data_3D3F
#
_entry.id   3D3F
#
_cell.length_a   80.517
_cell.length_b   123.285
_cell.length_c   57.226
_cell.angle_alpha   90.00
_cell.angle_beta   90.00
_cell.angle_gamma   90.00
#
_symmetry.space_group_name_H-M   'P 21 21 2'
#
loop_
_entity.id
_entity.type
_entity.pdbx_description
1 polymer 'YvgN protein'
2 non-polymer 'NADPH DIHYDRO-NICOTINAMIDE-ADENINE-DINUCLEOTIDE PHOSPHATE'
3 water water
#
_entity_poly.entity_id   1
_entity_poly.type   'polypeptide(L)'
_entity_poly.pdbx_seq_one_letter_code
;PTSLKDTVKLHNGVEMPWFGLGVFKVENGNEATESVKAAIKNGYRSIDTAAIYKNEEGVGIGIKESGVAREELFITSKVW
NEDQGYETTLAAFEKSLERLQLDYLDLYLIHWPGKDKYKDTWRALEKLYKDGKIRAIGVSNFQVHHLEELLKDAEIKPMV
NQVEFHPRLTQKELRDYCKGQGIQLEAWSPLMQGQLLDNEVLTQIAEKHNKSVAQVILRWDLQHGVVTIPKSIKEHRIIE
NADIFDFELSQEDMDKIDALNKDERVGPNPDELLF
;
_entity_poly.pdbx_strand_id   A,B
#
loop_
_chem_comp.id
_chem_comp.type
_chem_comp.name
_chem_comp.formula
NDP non-polymer 'NADPH DIHYDRO-NICOTINAMIDE-ADENINE-DINUCLEOTIDE PHOSPHATE' 'C21 H30 N7 O17 P3'
#
# COMPACT_ATOMS: atom_id res chain seq x y z
N PRO A 1 -2.70 -18.67 -28.94
CA PRO A 1 -4.06 -18.60 -28.41
C PRO A 1 -5.07 -18.05 -29.43
N THR A 2 -6.22 -18.72 -29.46
CA THR A 2 -7.20 -18.56 -30.46
C THR A 2 -8.50 -18.02 -29.87
N SER A 3 -8.63 -18.11 -28.55
CA SER A 3 -9.77 -17.53 -27.83
C SER A 3 -9.36 -17.07 -26.44
N LEU A 4 -10.30 -16.52 -25.72
CA LEU A 4 -10.19 -16.10 -24.34
C LEU A 4 -10.02 -17.24 -23.38
N LYS A 5 -10.55 -18.39 -23.67
CA LYS A 5 -10.53 -19.52 -22.73
C LYS A 5 -9.10 -20.07 -22.68
N ASP A 6 -8.28 -19.77 -23.71
CA ASP A 6 -6.92 -20.35 -23.92
C ASP A 6 -5.96 -20.29 -22.77
N THR A 7 -5.18 -21.34 -22.64
CA THR A 7 -4.45 -21.58 -21.43
C THR A 7 -2.96 -21.83 -21.66
N VAL A 8 -2.13 -21.35 -20.77
CA VAL A 8 -0.74 -21.73 -20.60
C VAL A 8 -0.58 -22.69 -19.44
N LYS A 9 0.12 -23.80 -19.63
CA LYS A 9 0.39 -24.74 -18.54
C LYS A 9 1.60 -24.30 -17.72
N LEU A 10 1.38 -24.14 -16.42
CA LEU A 10 2.43 -23.83 -15.44
C LEU A 10 3.25 -25.06 -15.10
N HIS A 11 4.47 -24.91 -14.59
CA HIS A 11 5.29 -26.16 -14.38
C HIS A 11 4.54 -27.27 -13.60
N ASN A 12 3.59 -26.91 -12.74
CA ASN A 12 2.77 -27.94 -12.08
C ASN A 12 1.53 -28.47 -12.80
N GLY A 13 1.40 -28.09 -14.07
CA GLY A 13 0.28 -28.53 -14.91
C GLY A 13 -1.01 -27.73 -14.74
N VAL A 14 -0.95 -26.69 -13.89
CA VAL A 14 -2.05 -25.75 -13.72
C VAL A 14 -2.16 -24.84 -14.94
N GLU A 15 -3.32 -24.88 -15.57
CA GLU A 15 -3.62 -24.11 -16.77
C GLU A 15 -4.06 -22.70 -16.41
N MET A 16 -3.16 -21.75 -16.62
CA MET A 16 -3.50 -20.37 -16.36
C MET A 16 -3.98 -19.63 -17.63
N PRO A 17 -5.18 -19.00 -17.58
CA PRO A 17 -5.59 -18.36 -18.83
C PRO A 17 -4.57 -17.34 -19.31
N TRP A 18 -4.43 -17.27 -20.63
CA TRP A 18 -3.43 -16.39 -21.22
C TRP A 18 -3.85 -14.93 -21.01
N PHE A 19 -5.14 -14.69 -20.84
CA PHE A 19 -5.60 -13.32 -20.81
C PHE A 19 -6.34 -12.99 -19.53
N GLY A 20 -6.13 -11.79 -18.98
CA GLY A 20 -6.90 -11.38 -17.80
C GLY A 20 -7.27 -9.92 -17.55
N LEU A 21 -7.85 -9.67 -16.44
CA LEU A 21 -8.29 -8.38 -16.04
C LEU A 21 -7.54 -8.03 -14.77
N GLY A 22 -6.87 -6.90 -14.77
CA GLY A 22 -6.19 -6.40 -13.58
C GLY A 22 -7.12 -5.37 -13.00
N VAL A 23 -7.14 -5.16 -11.72
CA VAL A 23 -8.08 -4.26 -11.11
C VAL A 23 -7.48 -3.25 -10.16
N PHE A 24 -6.18 -3.01 -10.29
CA PHE A 24 -5.41 -1.93 -9.68
C PHE A 24 -6.00 -0.56 -9.96
N LYS A 25 -6.07 0.26 -8.91
CA LYS A 25 -6.57 1.62 -8.99
C LYS A 25 -8.04 1.61 -9.24
N VAL A 26 -8.67 0.44 -9.12
CA VAL A 26 -10.12 0.35 -9.20
C VAL A 26 -10.75 0.33 -7.81
N GLU A 27 -11.87 1.03 -7.66
CA GLU A 27 -12.38 1.40 -6.34
C GLU A 27 -13.27 0.31 -5.78
N ASN A 28 -13.27 0.16 -4.46
CA ASN A 28 -13.87 -1.02 -3.82
C ASN A 28 -15.35 -1.00 -4.01
N GLY A 29 -16.06 -1.98 -3.71
CA GLY A 29 -17.47 -2.14 -4.16
C GLY A 29 -17.79 -2.28 -5.61
N ASN A 30 -18.47 -1.28 -6.15
CA ASN A 30 -19.30 -1.47 -7.33
C ASN A 30 -18.48 -1.39 -8.62
N GLU A 31 -17.59 -0.41 -8.69
CA GLU A 31 -16.60 -0.35 -9.77
C GLU A 31 -15.92 -1.69 -9.98
N ALA A 32 -15.47 -2.29 -8.89
CA ALA A 32 -14.67 -3.50 -8.96
C ALA A 32 -15.56 -4.68 -9.23
N THR A 33 -16.61 -4.78 -8.44
CA THR A 33 -17.72 -5.69 -8.72
C THR A 33 -18.24 -5.65 -10.17
N GLU A 34 -18.53 -4.47 -10.72
CA GLU A 34 -19.03 -4.37 -12.10
C GLU A 34 -17.98 -4.75 -13.19
N SER A 35 -16.77 -4.24 -13.04
CA SER A 35 -15.69 -4.62 -13.89
C SER A 35 -15.47 -6.13 -13.95
N VAL A 36 -15.38 -6.75 -12.76
CA VAL A 36 -15.23 -8.22 -12.66
C VAL A 36 -16.37 -8.92 -13.39
N LYS A 37 -17.61 -8.55 -13.09
CA LYS A 37 -18.83 -9.03 -13.78
C LYS A 37 -18.82 -8.87 -15.30
N ALA A 38 -18.60 -7.64 -15.77
CA ALA A 38 -18.52 -7.32 -17.20
C ALA A 38 -17.48 -8.14 -17.93
N ALA A 39 -16.29 -8.31 -17.33
CA ALA A 39 -15.23 -9.11 -17.93
C ALA A 39 -15.63 -10.58 -17.98
N ILE A 40 -16.03 -11.15 -16.84
CA ILE A 40 -16.39 -12.56 -16.81
C ILE A 40 -17.51 -12.78 -17.83
N LYS A 41 -18.53 -11.94 -17.80
CA LYS A 41 -19.69 -12.16 -18.65
C LYS A 41 -19.32 -12.15 -20.14
N ASN A 42 -18.27 -11.39 -20.46
CA ASN A 42 -17.67 -11.34 -21.79
C ASN A 42 -16.48 -12.32 -22.01
N GLY A 43 -16.34 -13.31 -21.13
CA GLY A 43 -15.43 -14.39 -21.37
C GLY A 43 -14.07 -14.42 -20.69
N TYR A 44 -13.62 -13.31 -20.07
CA TYR A 44 -12.45 -13.34 -19.19
C TYR A 44 -12.62 -14.49 -18.18
N ARG A 45 -11.50 -15.16 -17.88
CA ARG A 45 -11.53 -16.30 -16.98
C ARG A 45 -10.42 -16.14 -15.99
N SER A 46 -9.82 -14.96 -16.00
CA SER A 46 -8.70 -14.61 -15.14
C SER A 46 -8.77 -13.18 -14.61
N ILE A 47 -8.71 -13.09 -13.27
CA ILE A 47 -8.71 -11.80 -12.53
C ILE A 47 -7.44 -11.69 -11.72
N ASP A 48 -6.86 -10.50 -11.72
CA ASP A 48 -5.69 -10.24 -10.94
C ASP A 48 -5.93 -9.09 -10.01
N THR A 49 -5.72 -9.35 -8.73
CA THR A 49 -5.89 -8.34 -7.70
C THR A 49 -4.75 -8.43 -6.71
N ALA A 50 -4.87 -7.66 -5.63
CA ALA A 50 -3.89 -7.61 -4.61
C ALA A 50 -4.57 -7.13 -3.34
N ALA A 51 -3.97 -7.49 -2.19
CA ALA A 51 -4.44 -7.05 -0.85
C ALA A 51 -4.40 -5.56 -0.77
N ILE A 52 -3.43 -5.01 -1.47
CA ILE A 52 -3.16 -3.57 -1.40
C ILE A 52 -4.04 -2.73 -2.37
N TYR A 53 -4.72 -3.41 -3.29
CA TYR A 53 -5.64 -2.76 -4.20
C TYR A 53 -6.90 -2.29 -3.49
N LYS A 54 -7.21 -2.94 -2.37
CA LYS A 54 -8.27 -2.48 -1.48
C LYS A 54 -9.64 -3.01 -1.92
N ASN A 55 -9.64 -3.93 -2.87
CA ASN A 55 -10.84 -4.28 -3.60
C ASN A 55 -11.22 -5.76 -3.69
N GLU A 56 -10.54 -6.59 -2.94
CA GLU A 56 -10.88 -7.97 -2.80
C GLU A 56 -12.34 -8.24 -2.53
N GLU A 57 -12.97 -7.38 -1.79
CA GLU A 57 -14.38 -7.62 -1.51
C GLU A 57 -15.24 -7.50 -2.75
N GLY A 58 -15.09 -6.40 -3.50
CA GLY A 58 -15.85 -6.15 -4.75
C GLY A 58 -15.50 -7.16 -5.85
N VAL A 59 -14.24 -7.50 -5.95
CA VAL A 59 -13.83 -8.60 -6.82
C VAL A 59 -14.53 -9.91 -6.41
N GLY A 60 -14.57 -10.24 -5.12
CA GLY A 60 -15.15 -11.48 -4.67
C GLY A 60 -16.64 -11.62 -4.93
N ILE A 61 -17.31 -10.47 -5.00
CA ILE A 61 -18.75 -10.28 -5.25
C ILE A 61 -19.01 -10.29 -6.76
N GLY A 62 -18.11 -9.69 -7.53
CA GLY A 62 -18.19 -9.86 -8.97
C GLY A 62 -18.15 -11.34 -9.32
N ILE A 63 -17.16 -12.07 -8.81
CA ILE A 63 -17.02 -13.50 -9.11
C ILE A 63 -18.33 -14.26 -8.93
N LYS A 64 -18.93 -14.08 -7.75
CA LYS A 64 -20.18 -14.73 -7.40
C LYS A 64 -21.40 -14.27 -8.24
N GLU A 65 -21.61 -12.95 -8.33
CA GLU A 65 -22.71 -12.38 -9.09
C GLU A 65 -22.48 -12.53 -10.57
N SER A 66 -21.32 -13.05 -10.94
CA SER A 66 -20.96 -13.43 -12.34
C SER A 66 -21.63 -14.59 -13.04
N GLY A 67 -21.99 -15.61 -12.31
CA GLY A 67 -22.64 -16.65 -13.02
C GLY A 67 -21.77 -17.64 -13.64
N VAL A 68 -20.54 -17.68 -13.33
CA VAL A 68 -19.72 -18.76 -13.76
C VAL A 68 -19.19 -19.55 -12.59
N ALA A 69 -19.22 -20.86 -12.73
CA ALA A 69 -18.72 -21.76 -11.69
C ALA A 69 -17.33 -21.33 -11.32
N ARG A 70 -17.08 -21.35 -10.00
CA ARG A 70 -15.80 -20.93 -9.39
C ARG A 70 -14.59 -21.59 -10.07
N GLU A 71 -14.69 -22.88 -10.33
CA GLU A 71 -13.58 -23.70 -10.84
C GLU A 71 -13.16 -23.42 -12.28
N GLU A 72 -13.96 -22.63 -13.02
CA GLU A 72 -13.66 -22.26 -14.40
C GLU A 72 -12.93 -20.94 -14.35
N LEU A 73 -12.68 -20.49 -13.12
CA LEU A 73 -12.14 -19.15 -12.88
C LEU A 73 -10.76 -19.21 -12.23
N PHE A 74 -9.91 -18.29 -12.65
CA PHE A 74 -8.56 -18.26 -12.15
C PHE A 74 -8.40 -16.93 -11.50
N ILE A 75 -8.26 -16.96 -10.18
CA ILE A 75 -8.25 -15.76 -9.36
C ILE A 75 -6.83 -15.58 -8.74
N THR A 76 -6.26 -14.39 -8.88
CA THR A 76 -4.91 -14.13 -8.35
C THR A 76 -4.91 -13.02 -7.34
N SER A 77 -4.10 -13.14 -6.28
CA SER A 77 -3.87 -12.01 -5.45
C SER A 77 -2.47 -12.07 -4.90
N LYS A 78 -2.11 -11.06 -4.11
CA LYS A 78 -0.72 -10.90 -3.72
C LYS A 78 -0.56 -10.60 -2.21
N VAL A 79 0.52 -11.08 -1.61
CA VAL A 79 0.75 -10.62 -0.27
C VAL A 79 1.42 -9.27 -0.41
N TRP A 80 0.97 -8.29 0.35
CA TRP A 80 1.64 -6.99 0.45
C TRP A 80 2.94 -6.96 1.29
N ASN A 81 3.82 -6.02 0.91
CA ASN A 81 5.14 -5.78 1.47
C ASN A 81 5.19 -5.73 2.99
N GLU A 82 4.13 -5.15 3.56
CA GLU A 82 3.98 -4.92 4.97
C GLU A 82 3.70 -6.22 5.75
N ASP A 83 3.15 -7.23 5.07
CA ASP A 83 2.84 -8.48 5.76
C ASP A 83 3.90 -9.54 5.53
N GLN A 84 5.04 -9.17 4.96
CA GLN A 84 6.13 -10.16 4.74
C GLN A 84 6.70 -10.75 6.06
N GLY A 85 7.15 -12.01 5.98
CA GLY A 85 7.46 -12.83 7.15
C GLY A 85 6.62 -14.11 7.17
N TYR A 86 7.07 -15.14 7.84
CA TYR A 86 6.38 -16.42 7.75
C TYR A 86 4.94 -16.36 8.26
N GLU A 87 4.82 -16.09 9.55
CA GLU A 87 3.51 -16.03 10.19
C GLU A 87 2.58 -14.94 9.63
N THR A 88 3.10 -13.72 9.41
CA THR A 88 2.22 -12.61 8.93
C THR A 88 1.73 -12.82 7.52
N THR A 89 2.44 -13.63 6.74
CA THR A 89 1.97 -13.96 5.38
C THR A 89 0.82 -14.99 5.39
N LEU A 90 0.99 -16.01 6.24
CA LEU A 90 -0.03 -17.00 6.50
C LEU A 90 -1.32 -16.27 6.78
N ALA A 91 -1.28 -15.38 7.75
CA ALA A 91 -2.43 -14.60 8.22
C ALA A 91 -2.95 -13.66 7.17
N ALA A 92 -2.04 -13.04 6.41
CA ALA A 92 -2.38 -12.13 5.29
C ALA A 92 -3.13 -12.85 4.17
N PHE A 93 -2.62 -14.04 3.83
CA PHE A 93 -3.35 -14.97 2.96
C PHE A 93 -4.79 -15.24 3.40
N GLU A 94 -5.02 -15.64 4.66
CA GLU A 94 -6.41 -15.92 5.13
C GLU A 94 -7.39 -14.73 5.07
N LYS A 95 -6.89 -13.52 5.33
CA LYS A 95 -7.68 -12.29 5.14
C LYS A 95 -8.11 -12.07 3.67
N SER A 96 -7.22 -12.41 2.74
CA SER A 96 -7.51 -12.35 1.31
C SER A 96 -8.63 -13.34 0.93
N LEU A 97 -8.53 -14.58 1.42
CA LEU A 97 -9.55 -15.60 1.18
C LEU A 97 -10.91 -15.10 1.64
N GLU A 98 -10.99 -14.74 2.91
CA GLU A 98 -12.18 -14.17 3.60
C GLU A 98 -12.85 -12.92 2.94
N ARG A 99 -12.04 -11.95 2.50
CA ARG A 99 -12.55 -10.81 1.74
C ARG A 99 -13.02 -11.29 0.36
N LEU A 100 -12.27 -12.21 -0.22
CA LEU A 100 -12.63 -12.73 -1.55
C LEU A 100 -13.84 -13.69 -1.53
N GLN A 101 -14.20 -14.21 -0.33
CA GLN A 101 -15.21 -15.29 -0.19
C GLN A 101 -14.79 -16.51 -1.03
N LEU A 102 -13.51 -16.89 -0.99
CA LEU A 102 -13.00 -18.06 -1.70
C LEU A 102 -12.55 -19.08 -0.66
N ASP A 103 -12.50 -20.36 -1.00
CA ASP A 103 -11.86 -21.36 -0.11
C ASP A 103 -10.39 -21.58 -0.52
N TYR A 104 -10.08 -21.24 -1.76
CA TYR A 104 -8.71 -21.39 -2.27
C TYR A 104 -8.44 -20.27 -3.27
N LEU A 105 -7.18 -19.97 -3.51
CA LEU A 105 -6.77 -19.08 -4.58
C LEU A 105 -6.06 -19.90 -5.70
N ASP A 106 -6.21 -19.45 -6.93
CA ASP A 106 -5.52 -20.08 -8.03
C ASP A 106 -4.01 -19.68 -8.09
N LEU A 107 -3.70 -18.40 -7.86
CA LEU A 107 -2.31 -17.93 -7.78
C LEU A 107 -2.15 -16.95 -6.61
N TYR A 108 -1.03 -17.02 -5.94
CA TYR A 108 -0.74 -16.08 -4.88
C TYR A 108 0.70 -15.70 -5.04
N LEU A 109 0.94 -14.39 -5.14
CA LEU A 109 2.22 -13.82 -5.46
C LEU A 109 2.77 -13.02 -4.30
N ILE A 110 4.07 -13.13 -4.10
CA ILE A 110 4.77 -12.11 -3.37
C ILE A 110 4.74 -10.77 -4.20
N HIS A 111 4.26 -9.69 -3.61
CA HIS A 111 4.08 -8.45 -4.37
C HIS A 111 5.35 -7.88 -4.86
N TRP A 112 6.30 -7.70 -3.94
CA TRP A 112 7.63 -7.19 -4.22
C TRP A 112 8.76 -7.98 -3.49
N PRO A 113 9.93 -8.04 -4.08
CA PRO A 113 11.11 -8.59 -3.44
C PRO A 113 11.60 -7.88 -2.16
N GLY A 114 11.89 -6.62 -2.24
CA GLY A 114 12.34 -5.86 -1.12
C GLY A 114 13.74 -6.23 -0.75
N LYS A 115 14.02 -6.24 0.54
CA LYS A 115 15.31 -6.65 1.06
C LYS A 115 15.72 -7.95 1.74
N ASP A 116 14.74 -8.46 2.58
CA ASP A 116 15.23 -9.37 3.57
C ASP A 116 14.24 -10.48 3.84
N LYS A 117 13.00 -10.14 3.67
CA LYS A 117 11.92 -10.99 4.17
C LYS A 117 11.26 -12.00 3.14
N TYR A 118 11.67 -11.91 1.87
CA TYR A 118 10.98 -12.63 0.81
C TYR A 118 11.19 -14.15 0.77
N LYS A 119 12.33 -14.62 1.28
CA LYS A 119 12.62 -16.03 1.42
C LYS A 119 11.73 -16.69 2.46
N ASP A 120 11.52 -16.03 3.59
CA ASP A 120 10.58 -16.54 4.60
C ASP A 120 9.13 -16.47 4.13
N THR A 121 8.80 -15.40 3.39
CA THR A 121 7.50 -15.26 2.80
C THR A 121 7.27 -16.39 1.80
N TRP A 122 8.32 -16.75 1.05
CA TRP A 122 8.22 -17.89 0.13
C TRP A 122 7.88 -19.25 0.83
N ARG A 123 8.60 -19.52 1.92
CA ARG A 123 8.35 -20.64 2.82
C ARG A 123 6.90 -20.70 3.28
N ALA A 124 6.31 -19.53 3.45
CA ALA A 124 4.91 -19.44 3.85
C ALA A 124 3.97 -19.85 2.68
N LEU A 125 4.28 -19.39 1.47
CA LEU A 125 3.59 -19.80 0.28
C LEU A 125 3.72 -21.24 0.03
N GLU A 126 4.92 -21.71 0.09
CA GLU A 126 5.10 -23.12 -0.13
C GLU A 126 4.17 -23.92 0.79
N LYS A 127 4.02 -23.52 2.05
CA LYS A 127 3.27 -24.35 3.02
C LYS A 127 1.80 -24.34 2.67
N LEU A 128 1.27 -23.18 2.29
CA LEU A 128 -0.11 -23.02 1.84
C LEU A 128 -0.42 -23.81 0.56
N TYR A 129 0.44 -23.69 -0.43
CA TYR A 129 0.48 -24.66 -1.51
C TYR A 129 0.28 -26.15 -1.04
N LYS A 130 1.14 -26.65 -0.16
CA LYS A 130 1.13 -28.05 0.37
C LYS A 130 -0.14 -28.42 1.12
N ASP A 131 -0.65 -27.42 1.83
CA ASP A 131 -1.92 -27.49 2.55
C ASP A 131 -3.12 -27.48 1.57
N GLY A 132 -2.86 -27.19 0.28
CA GLY A 132 -3.90 -27.23 -0.77
C GLY A 132 -4.77 -25.99 -0.82
N LYS A 133 -4.24 -24.88 -0.32
CA LYS A 133 -4.98 -23.60 -0.28
C LYS A 133 -4.75 -22.72 -1.54
N ILE A 134 -3.63 -23.01 -2.24
CA ILE A 134 -3.22 -22.26 -3.42
C ILE A 134 -2.85 -23.27 -4.49
N ARG A 135 -3.39 -23.10 -5.69
CA ARG A 135 -3.13 -24.07 -6.81
C ARG A 135 -1.77 -23.85 -7.47
N ALA A 136 -1.34 -22.60 -7.44
CA ALA A 136 -0.10 -22.16 -8.02
C ALA A 136 0.45 -21.03 -7.17
N ILE A 137 1.76 -20.96 -7.09
CA ILE A 137 2.48 -19.98 -6.27
C ILE A 137 3.55 -19.34 -7.10
N GLY A 138 3.81 -18.07 -6.84
CA GLY A 138 4.66 -17.35 -7.69
C GLY A 138 5.09 -16.04 -7.12
N VAL A 139 5.60 -15.24 -8.02
CA VAL A 139 6.33 -14.10 -7.62
C VAL A 139 5.94 -12.94 -8.54
N SER A 140 6.18 -11.74 -8.02
CA SER A 140 5.87 -10.50 -8.69
C SER A 140 7.05 -9.54 -8.51
N ASN A 141 7.50 -8.89 -9.59
CA ASN A 141 8.56 -7.88 -9.55
C ASN A 141 9.92 -8.40 -9.09
N PHE A 142 10.24 -9.62 -9.51
CA PHE A 142 11.51 -10.27 -9.10
C PHE A 142 12.48 -10.12 -10.25
N GLN A 143 13.69 -9.70 -9.93
CA GLN A 143 14.83 -9.66 -10.84
C GLN A 143 15.53 -11.01 -10.85
N VAL A 144 16.43 -11.21 -11.79
CA VAL A 144 17.19 -12.44 -11.94
C VAL A 144 18.01 -12.79 -10.70
N HIS A 145 18.64 -11.80 -10.13
CA HIS A 145 19.11 -11.90 -8.76
C HIS A 145 18.23 -12.44 -7.65
N HIS A 146 16.97 -12.08 -7.62
CA HIS A 146 16.11 -12.43 -6.52
C HIS A 146 15.74 -13.84 -6.71
N LEU A 147 15.50 -14.15 -7.95
CA LEU A 147 15.27 -15.47 -8.38
C LEU A 147 16.36 -16.43 -8.15
N GLU A 148 17.61 -16.07 -8.46
CA GLU A 148 18.79 -16.84 -8.10
C GLU A 148 18.92 -17.15 -6.62
N GLU A 149 18.70 -16.15 -5.80
CA GLU A 149 18.63 -16.25 -4.36
C GLU A 149 17.46 -17.01 -3.77
N LEU A 150 16.27 -16.73 -4.25
CA LEU A 150 15.17 -17.62 -3.99
C LEU A 150 15.43 -19.11 -4.20
N LEU A 151 15.99 -19.46 -5.33
CA LEU A 151 16.23 -20.83 -5.73
C LEU A 151 17.26 -21.57 -4.87
N LYS A 152 18.18 -20.85 -4.22
CA LYS A 152 19.09 -21.52 -3.30
C LYS A 152 18.25 -22.40 -2.39
N ASP A 153 17.15 -21.84 -1.87
CA ASP A 153 16.56 -22.46 -0.68
C ASP A 153 15.13 -22.93 -0.84
N ALA A 154 14.58 -22.67 -2.04
CA ALA A 154 13.21 -22.99 -2.38
C ALA A 154 12.96 -24.50 -2.29
N GLU A 155 11.77 -24.89 -1.82
CA GLU A 155 11.31 -26.23 -2.09
C GLU A 155 10.52 -26.26 -3.40
N ILE A 156 9.73 -25.24 -3.65
CA ILE A 156 9.00 -25.19 -4.90
C ILE A 156 9.51 -24.03 -5.72
N LYS A 157 9.85 -24.28 -6.98
CA LYS A 157 10.12 -23.20 -7.92
C LYS A 157 8.85 -22.33 -8.19
N PRO A 158 8.99 -21.01 -8.12
CA PRO A 158 7.89 -20.14 -8.56
C PRO A 158 7.37 -20.48 -9.97
N MET A 159 6.05 -20.44 -10.13
CA MET A 159 5.37 -20.76 -11.38
C MET A 159 5.19 -19.56 -12.32
N VAL A 160 5.02 -18.38 -11.72
CA VAL A 160 4.78 -17.12 -12.45
C VAL A 160 5.74 -16.05 -11.91
N ASN A 161 6.18 -15.16 -12.77
CA ASN A 161 6.79 -13.91 -12.30
C ASN A 161 6.07 -12.78 -12.97
N GLN A 162 5.31 -12.03 -12.18
CA GLN A 162 4.56 -10.96 -12.76
C GLN A 162 5.34 -9.63 -12.69
N VAL A 163 5.85 -9.21 -13.85
CA VAL A 163 6.62 -7.98 -13.93
C VAL A 163 6.03 -6.93 -14.88
N GLU A 164 6.41 -5.67 -14.71
CA GLU A 164 5.99 -4.67 -15.67
C GLU A 164 6.56 -4.99 -17.04
N PHE A 165 5.68 -5.08 -18.04
CA PHE A 165 6.09 -5.44 -19.40
C PHE A 165 5.29 -4.73 -20.46
N HIS A 166 6.02 -4.11 -21.39
CA HIS A 166 5.44 -3.38 -22.55
C HIS A 166 6.48 -3.00 -23.58
N PRO A 167 6.03 -2.50 -24.74
CA PRO A 167 6.98 -2.01 -25.71
C PRO A 167 8.13 -1.21 -25.12
N ARG A 168 7.87 -0.31 -24.21
CA ARG A 168 8.90 0.49 -23.61
C ARG A 168 9.85 -0.20 -22.60
N LEU A 169 9.56 -1.43 -22.21
CA LEU A 169 10.31 -2.19 -21.25
C LEU A 169 10.09 -3.66 -21.45
N THR A 170 10.99 -4.27 -22.17
CA THR A 170 10.73 -5.47 -22.92
C THR A 170 11.39 -6.67 -22.30
N GLN A 171 12.10 -6.43 -21.23
CA GLN A 171 12.41 -7.44 -20.29
C GLN A 171 13.23 -8.60 -20.86
N LYS A 172 14.04 -8.31 -21.88
CA LYS A 172 14.74 -9.30 -22.67
C LYS A 172 15.47 -10.25 -21.77
N GLU A 173 16.35 -9.71 -20.93
CA GLU A 173 17.15 -10.49 -19.93
C GLU A 173 16.36 -11.39 -19.00
N LEU A 174 15.26 -10.89 -18.45
CA LEU A 174 14.42 -11.61 -17.50
C LEU A 174 13.55 -12.63 -18.19
N ARG A 175 13.12 -12.31 -19.40
CA ARG A 175 12.40 -13.27 -20.23
C ARG A 175 13.22 -14.52 -20.54
N ASP A 176 14.46 -14.33 -20.94
CA ASP A 176 15.33 -15.47 -21.24
C ASP A 176 15.64 -16.31 -19.99
N TYR A 177 15.92 -15.66 -18.88
CA TYR A 177 16.13 -16.36 -17.63
C TYR A 177 14.89 -17.16 -17.22
N CYS A 178 13.71 -16.53 -17.33
CA CYS A 178 12.47 -17.12 -16.86
C CYS A 178 11.98 -18.27 -17.71
N LYS A 179 12.13 -18.17 -19.05
CA LYS A 179 11.73 -19.28 -19.88
C LYS A 179 12.68 -20.50 -19.68
N GLY A 180 13.98 -20.23 -19.47
CA GLY A 180 14.94 -21.26 -19.16
C GLY A 180 14.73 -21.93 -17.81
N GLN A 181 13.95 -21.29 -16.93
CA GLN A 181 13.64 -21.86 -15.61
C GLN A 181 12.21 -22.43 -15.50
N GLY A 182 11.44 -22.44 -16.57
CA GLY A 182 10.01 -22.85 -16.46
C GLY A 182 9.20 -21.98 -15.49
N ILE A 183 9.60 -20.70 -15.40
CA ILE A 183 8.83 -19.66 -14.69
C ILE A 183 8.19 -18.86 -15.81
N GLN A 184 6.87 -18.77 -15.77
CA GLN A 184 6.05 -18.07 -16.73
C GLN A 184 6.03 -16.57 -16.45
N LEU A 185 6.33 -15.76 -17.44
CA LEU A 185 6.19 -14.33 -17.28
C LEU A 185 4.73 -13.87 -17.42
N GLU A 186 4.34 -12.90 -16.60
CA GLU A 186 3.06 -12.23 -16.73
C GLU A 186 3.33 -10.73 -16.71
N ALA A 187 2.63 -10.02 -17.60
CA ALA A 187 2.81 -8.60 -17.83
C ALA A 187 1.84 -7.80 -16.92
N TRP A 188 2.44 -6.98 -16.08
CA TRP A 188 1.67 -5.91 -15.48
C TRP A 188 1.89 -4.56 -16.18
N SER A 189 0.89 -3.67 -16.05
CA SER A 189 0.79 -2.42 -16.81
C SER A 189 1.11 -2.70 -18.27
N PRO A 190 0.40 -3.68 -18.84
CA PRO A 190 0.75 -4.17 -20.18
C PRO A 190 0.54 -3.07 -21.24
N LEU A 191 -0.36 -2.13 -20.92
CA LEU A 191 -0.70 -0.97 -21.70
C LEU A 191 0.11 0.28 -21.36
N MET A 192 1.14 0.09 -20.52
CA MET A 192 1.91 1.15 -19.88
C MET A 192 1.00 2.20 -19.21
N GLN A 193 -0.06 1.76 -18.53
CA GLN A 193 -0.96 2.65 -17.84
C GLN A 193 -1.52 3.68 -18.80
N GLY A 194 -1.55 3.32 -20.09
CA GLY A 194 -2.21 4.10 -21.15
C GLY A 194 -1.25 5.03 -21.84
N GLN A 195 -0.02 5.02 -21.40
CA GLN A 195 0.89 5.99 -21.90
C GLN A 195 1.41 5.77 -23.34
N LEU A 196 1.01 4.69 -23.99
CA LEU A 196 1.56 4.37 -25.30
C LEU A 196 0.53 4.46 -26.40
N LEU A 197 -0.68 4.82 -26.09
CA LEU A 197 -1.74 4.60 -27.02
C LEU A 197 -1.81 5.66 -28.12
N ASP A 198 -0.95 6.65 -28.01
CA ASP A 198 -0.63 7.64 -29.04
C ASP A 198 0.70 7.35 -29.76
N ASN A 199 1.36 6.23 -29.45
CA ASN A 199 2.67 6.01 -30.05
C ASN A 199 2.53 5.82 -31.57
N GLU A 200 3.19 6.66 -32.34
CA GLU A 200 3.09 6.64 -33.81
C GLU A 200 3.52 5.34 -34.53
N VAL A 201 4.57 4.68 -34.02
CA VAL A 201 4.93 3.36 -34.51
C VAL A 201 3.80 2.30 -34.27
N LEU A 202 3.13 2.41 -33.13
CA LEU A 202 2.05 1.51 -32.80
C LEU A 202 0.78 1.88 -33.57
N THR A 203 0.55 3.18 -33.82
CA THR A 203 -0.69 3.55 -34.42
C THR A 203 -0.68 3.19 -35.91
N GLN A 204 0.50 3.24 -36.56
CA GLN A 204 0.59 2.80 -37.99
C GLN A 204 0.30 1.31 -38.13
N ILE A 205 0.67 0.50 -37.13
CA ILE A 205 0.51 -0.97 -37.16
C ILE A 205 -0.94 -1.34 -36.85
N ALA A 206 -1.58 -0.59 -35.94
CA ALA A 206 -3.02 -0.69 -35.63
C ALA A 206 -3.87 -0.34 -36.83
N GLU A 207 -3.45 0.72 -37.54
CA GLU A 207 -4.11 1.19 -38.74
C GLU A 207 -4.24 0.12 -39.81
N LYS A 208 -3.10 -0.44 -40.17
CA LYS A 208 -2.98 -1.56 -41.10
C LYS A 208 -3.96 -2.72 -40.76
N HIS A 209 -4.07 -3.07 -39.46
CA HIS A 209 -4.85 -4.22 -39.04
C HIS A 209 -6.32 -3.95 -38.79
N ASN A 210 -6.69 -2.66 -38.80
CA ASN A 210 -8.00 -2.19 -38.31
C ASN A 210 -8.19 -2.47 -36.81
N LYS A 211 -7.21 -2.04 -36.02
CA LYS A 211 -7.23 -2.35 -34.60
C LYS A 211 -6.85 -1.14 -33.79
N SER A 212 -7.08 -1.19 -32.50
CA SER A 212 -6.69 -0.08 -31.68
C SER A 212 -5.26 -0.39 -31.26
N VAL A 213 -4.49 0.67 -31.00
CA VAL A 213 -3.15 0.56 -30.40
C VAL A 213 -3.12 -0.40 -29.21
N ALA A 214 -4.19 -0.39 -28.40
CA ALA A 214 -4.25 -1.26 -27.22
C ALA A 214 -4.31 -2.73 -27.61
N GLN A 215 -5.07 -3.02 -28.68
CA GLN A 215 -5.19 -4.40 -29.20
C GLN A 215 -3.83 -4.95 -29.67
N VAL A 216 -3.10 -4.13 -30.43
CA VAL A 216 -1.79 -4.44 -31.01
C VAL A 216 -0.78 -4.85 -29.94
N ILE A 217 -0.50 -3.93 -29.03
CA ILE A 217 0.23 -4.25 -27.80
C ILE A 217 -0.20 -5.55 -27.13
N LEU A 218 -1.51 -5.69 -26.91
CA LEU A 218 -2.07 -6.91 -26.28
C LEU A 218 -1.76 -8.21 -27.09
N ARG A 219 -1.91 -8.17 -28.42
CA ARG A 219 -1.48 -9.23 -29.33
C ARG A 219 0.04 -9.52 -29.34
N TRP A 220 0.83 -8.46 -29.21
CA TRP A 220 2.28 -8.50 -29.08
C TRP A 220 2.66 -9.34 -27.85
N ASP A 221 1.86 -9.19 -26.79
CA ASP A 221 2.06 -9.94 -25.54
C ASP A 221 1.88 -11.41 -25.86
N LEU A 222 0.79 -11.69 -26.55
CA LEU A 222 0.40 -13.08 -26.75
C LEU A 222 1.43 -13.80 -27.63
N GLN A 223 1.78 -13.18 -28.76
CA GLN A 223 2.84 -13.69 -29.62
C GLN A 223 4.22 -13.78 -29.00
N HIS A 224 4.52 -13.01 -27.96
CA HIS A 224 5.74 -13.27 -27.14
C HIS A 224 5.61 -14.33 -26.03
N GLY A 225 4.39 -14.85 -25.80
CA GLY A 225 4.24 -15.88 -24.78
C GLY A 225 4.35 -15.28 -23.39
N VAL A 226 3.75 -14.10 -23.21
CA VAL A 226 3.59 -13.42 -21.89
C VAL A 226 2.09 -13.25 -21.55
N VAL A 227 1.69 -13.89 -20.44
CA VAL A 227 0.34 -13.75 -19.90
C VAL A 227 0.07 -12.29 -19.70
N THR A 228 -1.18 -11.84 -19.88
CA THR A 228 -1.41 -10.39 -19.85
C THR A 228 -2.67 -10.09 -19.08
N ILE A 229 -2.75 -8.93 -18.45
CA ILE A 229 -3.84 -8.58 -17.53
C ILE A 229 -4.23 -7.11 -17.64
N PRO A 230 -4.68 -6.68 -18.85
CA PRO A 230 -4.97 -5.23 -18.97
C PRO A 230 -6.10 -4.85 -18.02
N LYS A 231 -6.11 -3.60 -17.55
CA LYS A 231 -7.21 -3.12 -16.73
C LYS A 231 -8.11 -2.06 -17.40
N SER A 232 -9.41 -2.17 -17.18
CA SER A 232 -10.31 -1.11 -17.54
C SER A 232 -11.53 -1.19 -16.65
N ILE A 233 -12.16 -0.03 -16.50
CA ILE A 233 -13.32 0.17 -15.68
C ILE A 233 -14.50 0.46 -16.63
N LYS A 234 -14.20 0.49 -17.94
CA LYS A 234 -15.21 0.73 -18.98
C LYS A 234 -15.37 -0.55 -19.75
N GLU A 235 -16.61 -1.00 -19.88
CA GLU A 235 -16.97 -2.33 -20.37
C GLU A 235 -16.60 -2.55 -21.81
N HIS A 236 -16.78 -1.49 -22.63
CA HIS A 236 -16.41 -1.48 -24.04
C HIS A 236 -14.88 -1.57 -24.25
N ARG A 237 -14.07 -1.16 -23.27
CA ARG A 237 -12.64 -1.30 -23.46
C ARG A 237 -12.29 -2.72 -23.05
N ILE A 238 -12.93 -3.24 -22.00
CA ILE A 238 -12.74 -4.63 -21.56
C ILE A 238 -13.00 -5.58 -22.74
N ILE A 239 -14.11 -5.36 -23.47
CA ILE A 239 -14.42 -6.08 -24.73
C ILE A 239 -13.37 -5.79 -25.86
N GLU A 240 -13.13 -4.49 -26.15
CA GLU A 240 -12.10 -4.05 -27.09
C GLU A 240 -10.77 -4.80 -26.79
N ASN A 241 -10.32 -4.73 -25.57
CA ASN A 241 -9.08 -5.44 -25.19
C ASN A 241 -8.96 -6.97 -25.46
N ALA A 242 -10.05 -7.75 -25.27
CA ALA A 242 -10.08 -9.21 -25.58
C ALA A 242 -10.25 -9.58 -27.08
N ASP A 243 -10.45 -8.56 -27.92
CA ASP A 243 -10.83 -8.77 -29.32
C ASP A 243 -9.56 -8.76 -30.21
N ILE A 244 -8.72 -9.76 -29.97
CA ILE A 244 -7.38 -9.84 -30.53
C ILE A 244 -7.04 -11.24 -31.16
N PHE A 245 -8.01 -12.15 -31.17
CA PHE A 245 -7.87 -13.55 -31.67
C PHE A 245 -8.23 -13.75 -33.15
N ASP A 246 -8.31 -12.63 -33.88
CA ASP A 246 -8.81 -12.59 -35.22
C ASP A 246 -7.83 -11.81 -36.15
N PHE A 247 -6.62 -11.57 -35.65
CA PHE A 247 -5.57 -11.00 -36.43
C PHE A 247 -4.29 -11.53 -35.82
N GLU A 248 -3.21 -11.47 -36.62
CA GLU A 248 -1.84 -11.65 -36.11
C GLU A 248 -0.90 -10.54 -36.59
N LEU A 249 0.06 -10.21 -35.77
CA LEU A 249 1.25 -9.47 -36.10
C LEU A 249 2.30 -10.23 -36.79
N SER A 250 2.84 -9.67 -37.86
CA SER A 250 3.99 -10.28 -38.55
C SER A 250 5.29 -10.09 -37.78
N GLN A 251 6.26 -10.95 -38.07
CA GLN A 251 7.62 -10.77 -37.55
C GLN A 251 8.07 -9.31 -37.74
N GLU A 252 7.88 -8.77 -38.94
CA GLU A 252 8.08 -7.33 -39.21
C GLU A 252 7.51 -6.37 -38.10
N ASP A 253 6.22 -6.56 -37.73
CA ASP A 253 5.52 -5.76 -36.72
C ASP A 253 6.14 -6.02 -35.36
N MET A 254 6.28 -7.29 -35.03
CA MET A 254 6.78 -7.66 -33.76
C MET A 254 8.08 -6.97 -33.42
N ASP A 255 9.04 -6.99 -34.36
CA ASP A 255 10.39 -6.37 -34.20
C ASP A 255 10.35 -4.85 -34.08
N LYS A 256 9.50 -4.20 -34.88
CA LYS A 256 9.19 -2.79 -34.77
C LYS A 256 8.74 -2.39 -33.40
N ILE A 257 7.79 -3.15 -32.85
CA ILE A 257 7.34 -2.91 -31.50
C ILE A 257 8.52 -3.11 -30.55
N ASP A 258 9.28 -4.18 -30.75
CA ASP A 258 10.44 -4.44 -29.89
C ASP A 258 11.46 -3.29 -29.89
N ALA A 259 11.58 -2.62 -31.06
CA ALA A 259 12.46 -1.44 -31.32
C ALA A 259 11.98 -0.15 -30.66
N LEU A 260 10.83 -0.26 -29.97
CA LEU A 260 10.33 0.79 -29.10
C LEU A 260 11.02 0.87 -27.72
N ASN A 261 11.76 -0.16 -27.31
CA ASN A 261 12.29 -0.26 -25.93
C ASN A 261 13.24 0.86 -25.51
N LYS A 262 12.93 1.48 -24.38
CA LYS A 262 13.87 2.37 -23.71
C LYS A 262 14.29 1.80 -22.35
N ASP A 263 13.96 0.54 -22.12
CA ASP A 263 14.12 -0.07 -20.81
C ASP A 263 13.52 0.81 -19.72
N GLU A 264 12.24 1.13 -19.86
CA GLU A 264 11.68 2.33 -19.27
C GLU A 264 10.44 2.00 -18.42
N ARG A 265 10.44 2.47 -17.18
CA ARG A 265 9.42 2.05 -16.20
C ARG A 265 8.44 3.16 -15.85
N VAL A 266 7.14 2.85 -15.88
CA VAL A 266 6.12 3.73 -15.28
C VAL A 266 5.72 3.34 -13.83
N GLY A 267 6.25 2.23 -13.32
CA GLY A 267 5.97 1.81 -11.94
C GLY A 267 7.26 1.56 -11.22
N PRO A 268 7.20 1.24 -9.91
CA PRO A 268 8.52 1.04 -9.23
C PRO A 268 9.48 -0.03 -9.83
N ASN A 269 10.76 0.30 -9.73
CA ASN A 269 11.89 -0.63 -9.83
C ASN A 269 11.94 -1.46 -8.54
N PRO A 270 11.88 -2.80 -8.66
CA PRO A 270 11.96 -3.71 -7.50
C PRO A 270 13.29 -3.64 -6.74
N ASP A 271 14.34 -3.14 -7.42
CA ASP A 271 15.67 -2.91 -6.89
C ASP A 271 15.76 -1.57 -6.12
N GLU A 272 14.74 -0.71 -6.23
CA GLU A 272 14.67 0.57 -5.53
C GLU A 272 13.56 0.62 -4.44
N LEU A 273 12.50 -0.17 -4.61
CA LEU A 273 11.50 -0.35 -3.61
C LEU A 273 11.87 -1.23 -2.44
N LEU A 274 12.60 -0.69 -1.51
CA LEU A 274 13.14 -1.53 -0.43
C LEU A 274 12.48 -1.30 0.92
N PHE A 275 11.91 -2.35 1.45
CA PHE A 275 11.35 -2.30 2.77
C PHE A 275 11.96 -3.51 3.42
N PRO B 1 1.60 18.59 28.70
CA PRO B 1 0.15 18.43 28.77
C PRO B 1 -0.29 17.82 30.10
N THR B 2 -1.54 18.10 30.50
CA THR B 2 -2.12 17.68 31.77
C THR B 2 -3.39 16.80 31.65
N SER B 3 -3.91 16.65 30.44
CA SER B 3 -5.09 15.79 30.22
C SER B 3 -5.12 15.37 28.76
N LEU B 4 -6.04 14.50 28.40
CA LEU B 4 -6.22 14.02 27.06
C LEU B 4 -6.57 15.11 26.07
N LYS B 5 -7.20 16.17 26.53
CA LYS B 5 -7.77 17.31 25.76
C LYS B 5 -6.63 18.21 25.29
N ASP B 6 -5.49 18.08 25.93
CA ASP B 6 -4.43 19.02 25.76
C ASP B 6 -3.92 18.99 24.34
N THR B 7 -3.39 20.15 23.94
CA THR B 7 -3.07 20.37 22.54
C THR B 7 -1.70 21.03 22.35
N VAL B 8 -1.14 20.86 21.16
CA VAL B 8 -0.05 21.72 20.69
C VAL B 8 -0.50 22.61 19.54
N LYS B 9 -0.04 23.86 19.57
CA LYS B 9 -0.26 24.79 18.48
C LYS B 9 0.80 24.62 17.35
N LEU B 10 0.31 24.22 16.17
CA LEU B 10 1.06 24.19 14.91
C LEU B 10 1.32 25.58 14.44
N HIS B 11 2.25 25.76 13.49
CA HIS B 11 2.72 27.12 13.12
C HIS B 11 1.62 28.08 12.49
N ASN B 12 0.54 27.50 11.97
CA ASN B 12 -0.65 28.26 11.53
C ASN B 12 -1.72 28.45 12.62
N GLY B 13 -1.32 28.13 13.85
CA GLY B 13 -2.18 28.36 15.01
C GLY B 13 -3.23 27.27 15.22
N VAL B 14 -3.31 26.30 14.30
CA VAL B 14 -4.13 25.08 14.58
C VAL B 14 -3.65 24.28 15.78
N GLU B 15 -4.63 23.78 16.55
CA GLU B 15 -4.36 23.05 17.84
C GLU B 15 -4.65 21.57 17.77
N MET B 16 -3.57 20.83 17.83
CA MET B 16 -3.59 19.42 17.56
C MET B 16 -3.43 18.73 18.91
N PRO B 17 -4.38 17.84 19.27
CA PRO B 17 -4.13 17.11 20.53
C PRO B 17 -2.78 16.38 20.51
N TRP B 18 -1.98 16.59 21.54
CA TRP B 18 -0.79 15.76 21.79
C TRP B 18 -0.96 14.21 21.67
N PHE B 19 -2.17 13.70 21.89
CA PHE B 19 -2.41 12.25 22.04
C PHE B 19 -3.51 11.78 21.07
N GLY B 20 -3.23 10.68 20.36
CA GLY B 20 -4.23 10.10 19.45
C GLY B 20 -4.38 8.58 19.35
N LEU B 21 -5.42 8.17 18.70
CA LEU B 21 -5.61 6.84 18.30
C LEU B 21 -5.07 6.59 16.91
N GLY B 22 -4.10 5.70 16.84
CA GLY B 22 -3.62 5.24 15.55
C GLY B 22 -4.43 4.03 15.15
N VAL B 23 -4.74 3.89 13.86
CA VAL B 23 -5.66 2.85 13.42
C VAL B 23 -5.11 1.90 12.28
N PHE B 24 -3.79 1.92 12.08
CA PHE B 24 -3.04 0.96 11.26
C PHE B 24 -3.30 -0.49 11.68
N LYS B 25 -3.59 -1.34 10.69
CA LYS B 25 -3.87 -2.77 10.85
C LYS B 25 -5.12 -3.09 11.64
N VAL B 26 -6.04 -2.13 11.72
CA VAL B 26 -7.33 -2.33 12.38
C VAL B 26 -8.30 -2.53 11.21
N GLU B 27 -9.21 -3.48 11.31
CA GLU B 27 -10.17 -3.84 10.24
C GLU B 27 -11.38 -2.92 10.02
N ASN B 28 -11.71 -2.68 8.75
CA ASN B 28 -12.81 -1.79 8.41
C ASN B 28 -14.13 -2.19 9.06
N GLY B 29 -15.03 -1.24 9.23
CA GLY B 29 -16.28 -1.48 9.91
C GLY B 29 -16.02 -1.82 11.37
N ASN B 30 -16.80 -2.80 11.87
CA ASN B 30 -16.98 -2.96 13.30
C ASN B 30 -15.75 -2.71 14.18
N GLU B 31 -14.64 -3.38 13.84
CA GLU B 31 -13.37 -3.16 14.55
C GLU B 31 -12.94 -1.69 14.57
N ALA B 32 -12.93 -1.03 13.42
CA ALA B 32 -12.55 0.40 13.36
C ALA B 32 -13.52 1.29 14.12
N THR B 33 -14.76 1.35 13.61
CA THR B 33 -15.91 1.95 14.28
C THR B 33 -15.91 1.82 15.79
N GLU B 34 -15.71 0.60 16.31
CA GLU B 34 -15.65 0.33 17.75
C GLU B 34 -14.41 0.87 18.41
N SER B 35 -13.25 0.71 17.78
CA SER B 35 -11.99 1.24 18.32
C SER B 35 -12.10 2.73 18.56
N VAL B 36 -12.54 3.43 17.52
CA VAL B 36 -12.65 4.89 17.49
C VAL B 36 -13.56 5.42 18.60
N LYS B 37 -14.79 4.92 18.67
CA LYS B 37 -15.72 5.42 19.65
C LYS B 37 -15.44 4.99 21.10
N ALA B 38 -14.66 3.94 21.30
CA ALA B 38 -14.17 3.57 22.62
C ALA B 38 -13.14 4.59 23.11
N ALA B 39 -12.26 4.97 22.20
CA ALA B 39 -11.31 6.08 22.35
C ALA B 39 -11.98 7.40 22.59
N ILE B 40 -12.93 7.74 21.75
CA ILE B 40 -13.60 9.02 21.93
C ILE B 40 -14.41 9.04 23.22
N LYS B 41 -15.10 7.95 23.50
CA LYS B 41 -15.82 7.78 24.79
C LYS B 41 -14.88 7.99 25.99
N ASN B 42 -13.61 7.69 25.83
CA ASN B 42 -12.65 8.03 26.88
C ASN B 42 -11.75 9.26 26.61
N GLY B 43 -12.31 10.31 26.01
CA GLY B 43 -11.57 11.56 25.89
C GLY B 43 -10.61 11.77 24.74
N TYR B 44 -10.27 10.73 23.98
CA TYR B 44 -9.41 10.94 22.82
C TYR B 44 -10.16 11.88 21.91
N ARG B 45 -9.37 12.74 21.27
CA ARG B 45 -9.89 13.79 20.44
C ARG B 45 -9.06 13.85 19.16
N SER B 46 -8.12 12.88 19.04
CA SER B 46 -7.29 12.71 17.82
C SER B 46 -7.24 11.24 17.34
N ILE B 47 -7.49 11.04 16.03
CA ILE B 47 -7.49 9.74 15.37
C ILE B 47 -6.66 9.91 14.13
N ASP B 48 -5.77 8.96 13.88
CA ASP B 48 -4.91 8.99 12.75
C ASP B 48 -5.25 7.79 11.88
N THR B 49 -5.63 8.03 10.64
CA THR B 49 -5.83 6.95 9.69
C THR B 49 -5.13 7.33 8.45
N ALA B 50 -5.18 6.45 7.47
CA ALA B 50 -4.64 6.70 6.15
C ALA B 50 -5.54 6.02 5.13
N ALA B 51 -5.52 6.56 3.90
CA ALA B 51 -6.20 5.99 2.69
C ALA B 51 -5.93 4.50 2.47
N ILE B 52 -4.73 4.07 2.75
CA ILE B 52 -4.19 2.75 2.51
C ILE B 52 -4.46 1.72 3.64
N TYR B 53 -4.81 2.25 4.80
CA TYR B 53 -5.34 1.43 5.89
C TYR B 53 -6.62 0.71 5.46
N LYS B 54 -7.50 1.44 4.78
CA LYS B 54 -8.77 0.89 4.34
C LYS B 54 -9.71 0.52 5.49
N ASN B 55 -9.65 1.29 6.57
CA ASN B 55 -10.75 1.38 7.51
C ASN B 55 -11.36 2.77 7.63
N GLU B 56 -11.16 3.60 6.61
CA GLU B 56 -11.54 4.99 6.67
C GLU B 56 -13.06 5.15 6.79
N GLU B 57 -13.78 4.15 6.29
CA GLU B 57 -15.26 4.14 6.40
C GLU B 57 -15.78 3.79 7.81
N GLY B 58 -15.10 2.84 8.47
CA GLY B 58 -15.40 2.43 9.84
C GLY B 58 -14.93 3.50 10.80
N VAL B 59 -13.88 4.21 10.46
CA VAL B 59 -13.44 5.34 11.29
C VAL B 59 -14.52 6.44 11.30
N GLY B 60 -14.83 6.98 10.11
CA GLY B 60 -15.89 7.95 9.92
C GLY B 60 -17.18 7.58 10.59
N ILE B 61 -17.56 6.31 10.50
CA ILE B 61 -18.77 5.76 11.18
C ILE B 61 -18.65 5.90 12.71
N GLY B 62 -17.47 5.62 13.25
CA GLY B 62 -17.27 5.62 14.68
C GLY B 62 -17.23 7.07 15.14
N ILE B 63 -16.77 7.96 14.25
CA ILE B 63 -16.71 9.40 14.54
C ILE B 63 -18.11 9.90 14.82
N LYS B 64 -19.04 9.53 13.95
CA LYS B 64 -20.43 9.95 14.01
C LYS B 64 -21.19 9.22 15.14
N GLU B 65 -20.79 7.97 15.39
CA GLU B 65 -21.50 7.15 16.36
C GLU B 65 -21.11 7.57 17.78
N SER B 66 -19.92 8.11 17.95
CA SER B 66 -19.48 8.70 19.21
C SER B 66 -20.26 9.90 19.76
N GLY B 67 -20.83 10.66 18.84
CA GLY B 67 -21.69 11.75 19.20
C GLY B 67 -21.01 13.08 19.42
N VAL B 68 -19.68 13.10 19.45
CA VAL B 68 -19.00 14.37 19.63
C VAL B 68 -18.89 15.28 18.43
N ALA B 69 -18.98 16.57 18.70
CA ALA B 69 -18.96 17.58 17.66
C ALA B 69 -17.74 17.51 16.73
N ARG B 70 -18.00 17.47 15.44
CA ARG B 70 -16.97 17.50 14.42
C ARG B 70 -15.78 18.33 14.89
N GLU B 71 -16.09 19.54 15.34
CA GLU B 71 -15.14 20.60 15.51
C GLU B 71 -14.21 20.31 16.69
N GLU B 72 -14.60 19.40 17.58
CA GLU B 72 -13.79 19.01 18.74
C GLU B 72 -12.88 17.82 18.44
N LEU B 73 -12.95 17.31 17.22
CA LEU B 73 -12.18 16.13 16.86
C LEU B 73 -11.10 16.48 15.84
N PHE B 74 -9.99 15.74 15.87
CA PHE B 74 -8.83 16.00 14.98
C PHE B 74 -8.54 14.72 14.21
N ILE B 75 -8.82 14.79 12.93
CA ILE B 75 -8.78 13.64 12.01
C ILE B 75 -7.66 13.92 11.03
N THR B 76 -6.82 12.91 10.86
CA THR B 76 -5.65 12.95 10.04
C THR B 76 -5.81 11.85 9.02
N SER B 77 -5.46 12.12 7.79
CA SER B 77 -5.36 10.99 6.91
C SER B 77 -4.11 11.18 6.01
N LYS B 78 -3.94 10.34 5.01
CA LYS B 78 -2.71 10.38 4.27
C LYS B 78 -2.98 10.06 2.82
N VAL B 79 -2.17 10.65 1.96
CA VAL B 79 -2.22 10.36 0.54
C VAL B 79 -1.18 9.27 0.30
N TRP B 80 -1.64 8.16 -0.27
CA TRP B 80 -0.76 7.02 -0.51
C TRP B 80 0.06 7.24 -1.74
N ASN B 81 1.23 6.60 -1.70
CA ASN B 81 2.28 6.54 -2.73
C ASN B 81 1.83 6.35 -4.18
N GLU B 82 0.84 5.50 -4.37
CA GLU B 82 0.33 5.10 -5.66
C GLU B 82 -0.39 6.30 -6.33
N ASP B 83 -0.71 7.32 -5.53
CA ASP B 83 -1.60 8.35 -5.97
C ASP B 83 -0.97 9.69 -5.94
N GLN B 84 0.34 9.76 -5.84
CA GLN B 84 1.06 11.02 -5.88
C GLN B 84 1.13 11.57 -7.30
N GLY B 85 1.33 12.88 -7.38
CA GLY B 85 0.98 13.66 -8.55
C GLY B 85 -0.12 14.63 -8.12
N TYR B 86 -0.11 15.78 -8.74
CA TYR B 86 -0.97 16.86 -8.39
C TYR B 86 -2.47 16.47 -8.50
N GLU B 87 -2.86 15.94 -9.65
CA GLU B 87 -4.28 15.73 -9.98
C GLU B 87 -4.81 14.57 -9.18
N THR B 88 -3.98 13.52 -9.11
CA THR B 88 -4.33 12.29 -8.42
C THR B 88 -4.42 12.47 -6.90
N THR B 89 -3.57 13.34 -6.34
CA THR B 89 -3.68 13.72 -4.92
C THR B 89 -4.98 14.45 -4.57
N LEU B 90 -5.41 15.40 -5.41
CA LEU B 90 -6.70 16.08 -5.23
C LEU B 90 -7.82 15.03 -5.21
N ALA B 91 -7.86 14.19 -6.26
CA ALA B 91 -8.80 13.08 -6.39
C ALA B 91 -8.76 12.11 -5.23
N ALA B 92 -7.55 11.64 -4.88
CA ALA B 92 -7.36 10.70 -3.76
C ALA B 92 -7.85 11.30 -2.42
N PHE B 93 -7.57 12.58 -2.20
CA PHE B 93 -8.13 13.36 -1.10
C PHE B 93 -9.69 13.39 -1.13
N GLU B 94 -10.34 13.67 -2.27
CA GLU B 94 -11.82 13.62 -2.27
C GLU B 94 -12.41 12.25 -1.86
N LYS B 95 -11.70 11.17 -2.23
CA LYS B 95 -12.04 9.80 -1.83
C LYS B 95 -11.95 9.56 -0.31
N SER B 96 -10.88 10.04 0.30
CA SER B 96 -10.79 10.02 1.77
C SER B 96 -11.92 10.78 2.45
N LEU B 97 -12.34 11.92 1.91
CA LEU B 97 -13.37 12.74 2.53
C LEU B 97 -14.71 12.00 2.49
N GLU B 98 -15.00 11.49 1.30
CA GLU B 98 -16.21 10.81 0.95
C GLU B 98 -16.49 9.63 1.88
N ARG B 99 -15.46 8.83 2.13
CA ARG B 99 -15.68 7.61 2.90
C ARG B 99 -15.48 7.80 4.39
N LEU B 100 -14.77 8.86 4.73
CA LEU B 100 -14.72 9.36 6.12
C LEU B 100 -16.01 10.10 6.51
N GLN B 101 -16.79 10.52 5.52
CA GLN B 101 -17.98 11.41 5.70
C GLN B 101 -17.61 12.74 6.35
N LEU B 102 -16.52 13.33 5.89
CA LEU B 102 -16.05 14.59 6.47
C LEU B 102 -16.23 15.73 5.43
N ASP B 103 -16.30 16.98 5.85
CA ASP B 103 -16.29 18.09 4.86
C ASP B 103 -14.85 18.62 4.68
N TYR B 104 -14.00 18.36 5.67
CA TYR B 104 -12.65 18.86 5.71
C TYR B 104 -11.83 17.87 6.53
N LEU B 105 -10.52 17.87 6.34
CA LEU B 105 -9.68 17.15 7.27
C LEU B 105 -9.02 18.21 8.17
N ASP B 106 -8.74 17.82 9.41
CA ASP B 106 -7.89 18.61 10.28
C ASP B 106 -6.42 18.57 9.86
N LEU B 107 -5.93 17.37 9.53
CA LEU B 107 -4.56 17.16 9.00
C LEU B 107 -4.51 16.16 7.83
N TYR B 108 -3.84 16.52 6.76
CA TYR B 108 -3.57 15.62 5.62
C TYR B 108 -2.07 15.51 5.40
N LEU B 109 -1.56 14.29 5.24
CA LEU B 109 -0.12 14.05 5.12
C LEU B 109 0.31 13.42 3.80
N ILE B 110 1.50 13.77 3.30
CA ILE B 110 2.19 12.92 2.33
C ILE B 110 2.75 11.72 3.13
N HIS B 111 2.18 10.55 2.85
CA HIS B 111 2.54 9.26 3.53
C HIS B 111 4.03 8.94 3.51
N TRP B 112 4.67 8.98 2.33
CA TRP B 112 6.11 8.74 2.14
C TRP B 112 6.53 9.75 1.04
N PRO B 113 7.79 10.27 1.10
CA PRO B 113 8.34 11.09 -0.01
C PRO B 113 8.62 10.30 -1.26
N GLY B 114 9.22 9.13 -1.12
CA GLY B 114 9.65 8.35 -2.26
C GLY B 114 10.73 9.05 -3.06
N LYS B 115 10.58 9.05 -4.38
CA LYS B 115 11.61 9.56 -5.27
C LYS B 115 11.39 10.81 -6.13
N ASP B 116 10.03 10.98 -6.45
CA ASP B 116 9.93 11.86 -7.61
C ASP B 116 8.80 12.88 -7.47
N LYS B 117 7.73 12.47 -6.79
CA LYS B 117 6.40 13.01 -7.08
C LYS B 117 5.88 13.85 -5.92
N TYR B 118 6.72 14.03 -4.90
CA TYR B 118 6.29 14.66 -3.64
C TYR B 118 6.10 16.16 -3.66
N LYS B 119 6.98 16.86 -4.39
CA LYS B 119 6.98 18.30 -4.53
C LYS B 119 5.69 18.83 -5.15
N ASP B 120 5.09 18.05 -6.05
CA ASP B 120 3.83 18.49 -6.61
C ASP B 120 2.64 17.76 -6.08
N THR B 121 2.89 16.64 -5.41
CA THR B 121 1.95 16.15 -4.40
C THR B 121 1.70 17.29 -3.40
N TRP B 122 2.78 17.95 -2.95
CA TRP B 122 2.66 19.07 -2.02
C TRP B 122 1.88 20.27 -2.56
N ARG B 123 2.08 20.57 -3.86
CA ARG B 123 1.36 21.65 -4.48
C ARG B 123 -0.14 21.40 -4.36
N ALA B 124 -0.53 20.13 -4.46
CA ALA B 124 -1.91 19.71 -4.33
C ALA B 124 -2.39 19.86 -2.91
N LEU B 125 -1.53 19.54 -1.94
CA LEU B 125 -1.95 19.73 -0.56
C LEU B 125 -2.21 21.21 -0.37
N GLU B 126 -1.22 22.02 -0.71
CA GLU B 126 -1.34 23.47 -0.57
C GLU B 126 -2.63 24.00 -1.19
N LYS B 127 -3.01 23.50 -2.36
CA LYS B 127 -4.18 24.06 -3.02
C LYS B 127 -5.38 23.80 -2.13
N LEU B 128 -5.58 22.52 -1.79
CA LEU B 128 -6.69 22.08 -0.92
C LEU B 128 -6.75 22.84 0.42
N TYR B 129 -5.56 23.12 0.96
CA TYR B 129 -5.43 23.96 2.11
C TYR B 129 -6.01 25.37 1.90
N LYS B 130 -5.89 25.94 0.70
CA LYS B 130 -6.33 27.31 0.40
C LYS B 130 -7.81 27.35 0.03
N ASP B 131 -8.29 26.21 -0.46
CA ASP B 131 -9.71 25.97 -0.65
C ASP B 131 -10.41 25.74 0.69
N GLY B 132 -9.61 25.63 1.75
CA GLY B 132 -10.13 25.52 3.11
C GLY B 132 -10.77 24.18 3.38
N LYS B 133 -10.34 23.13 2.70
CA LYS B 133 -10.78 21.74 2.90
C LYS B 133 -9.85 20.94 3.85
N ILE B 134 -8.70 21.50 4.21
CA ILE B 134 -7.74 20.90 5.16
C ILE B 134 -7.20 21.98 6.13
N ARG B 135 -7.28 21.74 7.45
CA ARG B 135 -6.93 22.78 8.41
C ARG B 135 -5.44 22.85 8.60
N ALA B 136 -4.76 21.75 8.32
CA ALA B 136 -3.34 21.71 8.48
C ALA B 136 -2.82 20.73 7.45
N ILE B 137 -1.66 21.05 6.86
CA ILE B 137 -1.03 20.15 5.90
C ILE B 137 0.37 19.85 6.37
N GLY B 138 0.83 18.64 6.10
CA GLY B 138 2.12 18.19 6.56
C GLY B 138 2.56 16.93 5.83
N VAL B 139 3.42 16.18 6.49
CA VAL B 139 4.24 15.25 5.76
C VAL B 139 4.60 14.09 6.72
N SER B 140 5.08 12.96 6.19
CA SER B 140 5.28 11.75 7.00
C SER B 140 6.44 10.99 6.43
N ASN B 141 7.36 10.59 7.30
CA ASN B 141 8.55 9.86 6.90
C ASN B 141 9.48 10.68 6.02
N PHE B 142 9.41 12.00 6.13
CA PHE B 142 10.40 12.91 5.51
C PHE B 142 11.67 13.03 6.36
N GLN B 143 12.79 13.10 5.65
CA GLN B 143 14.11 13.25 6.22
C GLN B 143 14.44 14.72 6.02
N VAL B 144 15.44 15.21 6.76
CA VAL B 144 15.99 16.57 6.62
C VAL B 144 16.16 17.01 5.15
N HIS B 145 16.72 16.21 4.30
CA HIS B 145 16.77 16.59 2.90
C HIS B 145 15.51 16.70 2.05
N HIS B 146 14.62 15.75 2.09
CA HIS B 146 13.26 15.92 1.65
C HIS B 146 12.56 17.18 2.08
N LEU B 147 12.96 17.70 3.22
CA LEU B 147 12.34 18.85 3.77
C LEU B 147 12.99 20.10 3.28
N GLU B 148 14.31 20.22 3.42
CA GLU B 148 15.09 21.20 2.67
C GLU B 148 14.64 21.37 1.25
N GLU B 149 14.43 20.25 0.60
CA GLU B 149 14.02 20.18 -0.76
C GLU B 149 12.62 20.69 -1.06
N LEU B 150 11.68 20.29 -0.23
CA LEU B 150 10.31 20.74 -0.26
C LEU B 150 10.24 22.26 -0.10
N LEU B 151 10.89 22.74 0.95
CA LEU B 151 11.02 24.16 1.27
C LEU B 151 11.58 25.05 0.17
N LYS B 152 12.34 24.50 -0.80
CA LYS B 152 12.89 25.31 -1.90
C LYS B 152 11.81 25.92 -2.77
N ASP B 153 10.61 25.34 -2.76
CA ASP B 153 9.53 25.74 -3.67
C ASP B 153 8.14 25.80 -3.03
N ALA B 154 8.06 25.44 -1.75
CA ALA B 154 6.80 25.46 -1.04
C ALA B 154 6.32 26.89 -0.90
N GLU B 155 4.99 27.07 -0.96
CA GLU B 155 4.33 28.29 -0.49
C GLU B 155 3.97 28.19 1.00
N ILE B 156 3.77 26.96 1.47
CA ILE B 156 3.43 26.73 2.87
C ILE B 156 4.37 25.67 3.38
N LYS B 157 4.98 25.91 4.54
CA LYS B 157 5.91 24.92 5.18
C LYS B 157 5.10 23.78 5.87
N PRO B 158 5.54 22.51 5.75
CA PRO B 158 4.87 21.48 6.56
C PRO B 158 4.70 21.87 8.01
N MET B 159 3.53 21.58 8.57
CA MET B 159 3.22 21.92 9.95
C MET B 159 3.44 20.71 10.86
N VAL B 160 3.36 19.52 10.28
CA VAL B 160 3.58 18.24 10.98
C VAL B 160 4.49 17.35 10.12
N ASN B 161 5.47 16.74 10.75
CA ASN B 161 6.24 15.63 10.15
C ASN B 161 6.04 14.37 10.98
N GLN B 162 5.28 13.41 10.45
CA GLN B 162 4.98 12.19 11.17
C GLN B 162 5.98 11.05 10.80
N VAL B 163 6.82 10.63 11.72
CA VAL B 163 7.87 9.66 11.48
C VAL B 163 7.98 8.57 12.54
N GLU B 164 8.73 7.53 12.30
CA GLU B 164 8.78 6.40 13.26
C GLU B 164 9.67 6.85 14.38
N PHE B 165 9.22 6.65 15.61
CA PHE B 165 9.91 7.25 16.75
C PHE B 165 9.59 6.52 18.06
N HIS B 166 10.67 6.09 18.73
CA HIS B 166 10.64 5.21 19.92
C HIS B 166 12.08 5.02 20.48
N PRO B 167 12.23 4.52 21.73
CA PRO B 167 13.63 4.44 22.27
C PRO B 167 14.70 3.76 21.38
N ARG B 168 14.27 2.79 20.57
CA ARG B 168 15.18 2.13 19.64
C ARG B 168 15.60 3.11 18.54
N LEU B 169 14.80 4.13 18.29
CA LEU B 169 14.92 5.05 17.17
C LEU B 169 14.54 6.50 17.47
N THR B 170 15.44 7.22 18.06
CA THR B 170 15.05 8.42 18.80
C THR B 170 15.21 9.71 18.00
N GLN B 171 15.52 9.56 16.72
CA GLN B 171 15.29 10.64 15.75
C GLN B 171 15.90 11.94 16.24
N LYS B 172 17.16 11.88 16.67
CA LYS B 172 17.80 13.00 17.36
C LYS B 172 17.90 14.24 16.46
N GLU B 173 18.68 14.09 15.39
CA GLU B 173 18.88 15.07 14.32
C GLU B 173 17.59 15.66 13.79
N LEU B 174 16.72 14.79 13.29
CA LEU B 174 15.45 15.19 12.68
C LEU B 174 14.62 16.09 13.61
N ARG B 175 14.54 15.70 14.89
CA ARG B 175 13.95 16.53 15.96
C ARG B 175 14.58 17.93 16.10
N ASP B 176 15.91 18.05 16.07
CA ASP B 176 16.54 19.38 16.10
C ASP B 176 16.08 20.24 14.91
N TYR B 177 16.05 19.62 13.74
CA TYR B 177 15.71 20.31 12.52
C TYR B 177 14.24 20.78 12.49
N CYS B 178 13.32 19.90 12.89
CA CYS B 178 11.90 20.25 12.85
C CYS B 178 11.53 21.33 13.89
N LYS B 179 12.05 21.14 15.12
CA LYS B 179 12.01 22.10 16.20
C LYS B 179 12.39 23.52 15.72
N GLY B 180 13.59 23.64 15.14
CA GLY B 180 14.05 24.87 14.54
C GLY B 180 13.18 25.34 13.39
N GLN B 181 12.56 24.42 12.68
CA GLN B 181 11.76 24.87 11.55
C GLN B 181 10.31 25.12 11.93
N GLY B 182 9.96 24.92 13.17
CA GLY B 182 8.59 25.11 13.55
C GLY B 182 7.73 24.02 12.96
N ILE B 183 8.33 22.83 12.78
CA ILE B 183 7.61 21.65 12.25
C ILE B 183 7.40 20.65 13.37
N GLN B 184 6.12 20.35 13.64
CA GLN B 184 5.79 19.51 14.78
C GLN B 184 6.05 18.02 14.50
N LEU B 185 7.01 17.43 15.22
CA LEU B 185 7.14 15.97 15.15
C LEU B 185 5.96 15.18 15.76
N GLU B 186 5.65 14.05 15.14
CA GLU B 186 4.60 13.15 15.58
C GLU B 186 5.19 11.75 15.37
N ALA B 187 5.00 10.91 16.37
CA ALA B 187 5.54 9.57 16.45
C ALA B 187 4.55 8.57 15.88
N TRP B 188 4.94 7.86 14.84
CA TRP B 188 4.29 6.64 14.51
C TRP B 188 5.01 5.44 15.00
N SER B 189 4.30 4.34 15.07
CA SER B 189 4.70 3.16 15.86
C SER B 189 5.26 3.23 17.27
N PRO B 190 4.70 4.12 18.04
CA PRO B 190 5.33 4.61 19.23
C PRO B 190 5.79 3.51 20.19
N LEU B 191 5.12 2.38 20.16
CA LEU B 191 5.44 1.31 21.12
C LEU B 191 6.31 0.29 20.44
N MET B 192 6.83 0.70 19.29
CA MET B 192 7.60 -0.15 18.34
C MET B 192 6.78 -1.37 17.92
N GLN B 193 5.48 -1.17 17.71
CA GLN B 193 4.57 -2.26 17.37
C GLN B 193 4.58 -3.41 18.40
N GLY B 194 4.99 -3.10 19.64
CA GLY B 194 4.91 -4.02 20.79
C GLY B 194 6.25 -4.65 21.12
N GLN B 195 7.24 -4.35 20.27
CA GLN B 195 8.57 -4.93 20.42
C GLN B 195 9.41 -4.66 21.69
N LEU B 196 9.10 -3.58 22.39
CA LEU B 196 9.91 -3.01 23.48
C LEU B 196 9.17 -3.18 24.79
N LEU B 197 7.94 -3.66 24.74
CA LEU B 197 7.06 -3.73 25.94
C LEU B 197 7.67 -4.62 27.01
N ASP B 198 8.76 -5.22 26.67
CA ASP B 198 9.37 -6.26 27.41
C ASP B 198 10.78 -5.88 27.61
N ASN B 199 11.14 -4.69 27.21
CA ASN B 199 12.48 -4.25 27.44
C ASN B 199 12.82 -4.15 28.96
N GLU B 200 14.02 -4.56 29.32
CA GLU B 200 14.47 -4.63 30.71
C GLU B 200 14.52 -3.28 31.39
N VAL B 201 14.98 -2.30 30.66
CA VAL B 201 15.28 -1.03 31.22
C VAL B 201 14.02 -0.21 31.42
N LEU B 202 13.08 -0.38 30.50
CA LEU B 202 11.78 0.26 30.53
C LEU B 202 10.88 -0.38 31.59
N THR B 203 11.22 -1.63 31.92
CA THR B 203 10.49 -2.45 32.87
C THR B 203 10.78 -1.94 34.27
N GLN B 204 12.05 -1.74 34.64
CA GLN B 204 12.43 -1.24 36.00
C GLN B 204 11.89 0.16 36.23
N ILE B 205 11.87 0.94 35.14
CA ILE B 205 11.32 2.29 35.13
C ILE B 205 9.79 2.21 35.24
N ALA B 206 9.14 1.31 34.52
CA ALA B 206 7.69 1.13 34.69
C ALA B 206 7.34 0.76 36.16
N GLU B 207 8.04 -0.24 36.69
CA GLU B 207 7.85 -0.81 38.04
C GLU B 207 7.93 0.25 39.13
N LYS B 208 9.05 0.97 39.16
CA LYS B 208 9.24 2.14 40.00
C LYS B 208 8.03 3.08 40.04
N HIS B 209 7.44 3.32 38.86
CA HIS B 209 6.34 4.29 38.67
C HIS B 209 4.93 3.73 38.83
N ASN B 210 4.85 2.40 38.95
CA ASN B 210 3.59 1.67 39.02
C ASN B 210 2.78 1.83 37.71
N LYS B 211 3.50 1.73 36.60
CA LYS B 211 2.84 1.84 35.32
C LYS B 211 3.35 0.69 34.47
N SER B 212 2.77 0.52 33.30
CA SER B 212 3.32 -0.36 32.30
C SER B 212 4.39 0.35 31.43
N VAL B 213 5.26 -0.45 30.83
CA VAL B 213 6.21 -0.01 29.82
C VAL B 213 5.51 0.86 28.76
N ALA B 214 4.32 0.45 28.33
CA ALA B 214 3.61 1.18 27.27
C ALA B 214 3.34 2.60 27.69
N GLN B 215 2.98 2.80 28.95
CA GLN B 215 2.76 4.14 29.52
C GLN B 215 4.03 4.95 29.66
N VAL B 216 5.10 4.25 30.05
CA VAL B 216 6.41 4.88 30.25
C VAL B 216 6.84 5.47 28.93
N ILE B 217 6.84 4.64 27.89
CA ILE B 217 7.14 5.06 26.51
C ILE B 217 6.30 6.24 26.05
N LEU B 218 5.01 6.15 26.29
CA LEU B 218 4.10 7.21 25.98
C LEU B 218 4.32 8.55 26.68
N ARG B 219 4.65 8.49 27.95
CA ARG B 219 5.03 9.66 28.76
C ARG B 219 6.36 10.26 28.27
N TRP B 220 7.21 9.39 27.74
CA TRP B 220 8.50 9.72 27.19
C TRP B 220 8.32 10.49 25.85
N ASP B 221 7.41 10.04 25.00
CA ASP B 221 7.02 10.81 23.82
C ASP B 221 6.61 12.24 24.19
N LEU B 222 5.82 12.38 25.26
CA LEU B 222 5.26 13.71 25.56
C LEU B 222 6.29 14.63 26.20
N GLN B 223 7.06 14.09 27.14
CA GLN B 223 8.11 14.87 27.80
C GLN B 223 9.19 15.29 26.79
N HIS B 224 9.24 14.63 25.65
CA HIS B 224 10.06 15.08 24.53
C HIS B 224 9.32 16.05 23.57
N GLY B 225 8.01 16.22 23.76
CA GLY B 225 7.26 17.18 22.96
C GLY B 225 7.07 16.66 21.54
N VAL B 226 6.77 15.36 21.48
CA VAL B 226 6.32 14.63 20.30
C VAL B 226 4.81 14.15 20.43
N VAL B 227 3.96 14.56 19.48
CA VAL B 227 2.59 14.10 19.36
C VAL B 227 2.64 12.60 19.19
N THR B 228 1.70 11.89 19.81
CA THR B 228 1.87 10.47 19.76
C THR B 228 0.52 9.84 19.52
N ILE B 229 0.50 8.71 18.81
CA ILE B 229 -0.74 8.07 18.42
C ILE B 229 -0.74 6.55 18.56
N PRO B 230 -0.60 6.01 19.79
CA PRO B 230 -0.59 4.54 19.92
C PRO B 230 -1.81 3.85 19.36
N LYS B 231 -1.61 2.63 18.86
CA LYS B 231 -2.67 1.80 18.37
C LYS B 231 -3.04 0.65 19.33
N SER B 232 -4.35 0.49 19.55
CA SER B 232 -4.84 -0.71 20.16
C SER B 232 -6.26 -0.99 19.69
N ILE B 233 -6.57 -2.27 19.47
CA ILE B 233 -7.94 -2.67 19.18
C ILE B 233 -8.69 -3.08 20.48
N LYS B 234 -8.04 -2.87 21.62
CA LYS B 234 -8.63 -3.30 22.89
C LYS B 234 -8.92 -2.08 23.76
N GLU B 235 -10.20 -1.94 24.13
CA GLU B 235 -10.68 -0.76 24.84
C GLU B 235 -9.89 -0.48 26.12
N HIS B 236 -9.42 -1.55 26.80
CA HIS B 236 -8.61 -1.47 28.04
C HIS B 236 -7.19 -0.98 27.77
N ARG B 237 -6.60 -1.43 26.67
CA ARG B 237 -5.33 -0.84 26.20
C ARG B 237 -5.47 0.65 25.84
N ILE B 238 -6.56 1.01 25.17
CA ILE B 238 -6.85 2.38 24.77
C ILE B 238 -6.91 3.28 26.01
N ILE B 239 -7.71 2.88 26.99
CA ILE B 239 -7.80 3.55 28.29
C ILE B 239 -6.43 3.62 29.02
N GLU B 240 -5.74 2.45 29.14
CA GLU B 240 -4.37 2.34 29.72
C GLU B 240 -3.39 3.32 29.07
N ASN B 241 -3.20 3.14 27.79
CA ASN B 241 -2.39 4.05 27.02
C ASN B 241 -2.52 5.58 27.30
N ALA B 242 -3.76 6.06 27.52
CA ALA B 242 -4.02 7.51 27.83
C ALA B 242 -3.81 7.88 29.33
N ASP B 243 -3.65 6.87 30.17
CA ASP B 243 -3.55 7.05 31.61
C ASP B 243 -2.09 7.43 31.99
N ILE B 244 -1.58 8.48 31.35
CA ILE B 244 -0.17 8.81 31.46
C ILE B 244 0.05 10.22 32.06
N PHE B 245 -1.03 10.83 32.54
CA PHE B 245 -1.03 12.24 32.94
C PHE B 245 -0.88 12.52 34.41
N ASP B 246 -0.62 11.46 35.19
CA ASP B 246 -0.58 11.53 36.66
C ASP B 246 0.74 11.05 37.23
N PHE B 247 1.79 11.12 36.43
CA PHE B 247 3.12 10.73 36.88
C PHE B 247 4.03 11.37 35.89
N GLU B 248 5.33 11.33 36.18
CA GLU B 248 6.31 11.94 35.28
C GLU B 248 7.66 11.26 35.43
N LEU B 249 8.39 11.23 34.34
CA LEU B 249 9.72 10.71 34.26
C LEU B 249 10.74 11.76 34.62
N SER B 250 11.74 11.38 35.38
CA SER B 250 12.84 12.32 35.74
C SER B 250 13.84 12.45 34.59
N GLN B 251 14.89 13.23 34.83
CA GLN B 251 15.93 13.41 33.83
C GLN B 251 16.72 12.12 33.69
N GLU B 252 17.05 11.46 34.80
CA GLU B 252 17.64 10.10 34.76
C GLU B 252 16.84 9.12 33.88
N ASP B 253 15.57 8.87 34.22
CA ASP B 253 14.67 8.08 33.40
C ASP B 253 14.82 8.46 31.90
N MET B 254 14.48 9.70 31.56
CA MET B 254 14.51 10.14 30.15
C MET B 254 15.81 9.77 29.39
N ASP B 255 16.96 10.05 30.02
CA ASP B 255 18.28 9.76 29.47
C ASP B 255 18.57 8.24 29.39
N LYS B 256 18.05 7.50 30.37
CA LYS B 256 18.14 6.05 30.38
C LYS B 256 17.42 5.49 29.16
N ILE B 257 16.21 6.00 28.90
CA ILE B 257 15.36 5.51 27.83
C ILE B 257 16.03 5.85 26.49
N ASP B 258 16.21 7.12 26.25
CA ASP B 258 17.08 7.61 25.24
C ASP B 258 18.31 6.74 24.90
N ALA B 259 19.11 6.36 25.89
CA ALA B 259 20.24 5.44 25.67
C ALA B 259 19.93 4.08 25.03
N LEU B 260 18.72 3.55 25.19
CA LEU B 260 18.27 2.58 24.23
C LEU B 260 18.51 2.73 22.76
N ASN B 261 18.69 3.92 22.23
CA ASN B 261 18.61 4.12 20.80
C ASN B 261 19.54 3.26 19.93
N LYS B 262 19.02 2.55 18.97
CA LYS B 262 19.89 1.81 18.09
C LYS B 262 19.70 2.17 16.62
N ASP B 263 19.11 3.31 16.33
CA ASP B 263 18.79 3.70 14.95
C ASP B 263 18.01 2.56 14.27
N GLU B 264 17.14 1.91 15.03
CA GLU B 264 16.55 0.64 14.63
C GLU B 264 15.09 0.82 14.26
N ARG B 265 14.75 0.41 13.02
CA ARG B 265 13.38 0.54 12.50
C ARG B 265 12.58 -0.78 12.49
N VAL B 266 11.29 -0.70 12.84
CA VAL B 266 10.31 -1.74 12.47
C VAL B 266 9.62 -1.45 11.11
N GLY B 267 9.73 -0.22 10.60
CA GLY B 267 9.16 0.06 9.32
C GLY B 267 10.21 0.48 8.34
N PRO B 268 9.79 0.71 7.07
CA PRO B 268 10.76 1.12 6.02
C PRO B 268 11.58 2.36 6.39
N ASN B 269 12.74 2.50 5.79
CA ASN B 269 13.52 3.73 5.83
C ASN B 269 12.96 4.59 4.68
N PRO B 270 12.71 5.91 4.93
CA PRO B 270 12.23 6.82 3.85
C PRO B 270 13.20 6.92 2.69
N ASP B 271 14.49 6.79 2.98
CA ASP B 271 15.55 6.89 1.99
C ASP B 271 15.68 5.65 1.14
N GLU B 272 15.14 4.54 1.61
CA GLU B 272 15.15 3.28 0.85
C GLU B 272 13.87 2.95 0.07
N LEU B 273 12.72 3.43 0.50
CA LEU B 273 11.44 3.06 -0.11
C LEU B 273 11.16 3.88 -1.35
N LEU B 274 11.79 3.51 -2.44
CA LEU B 274 11.85 4.39 -3.58
C LEU B 274 10.87 4.03 -4.65
N PHE B 275 9.69 4.61 -4.52
CA PHE B 275 8.71 4.68 -5.56
C PHE B 275 8.78 6.04 -6.28
PA NDP C . -2.73 -0.91 -17.94
O1A NDP C . -3.38 -2.22 -18.19
O2A NDP C . -1.43 -0.83 -18.62
O5B NDP C . -3.65 0.34 -18.41
C5B NDP C . -4.82 0.79 -17.80
C4B NDP C . -5.07 2.26 -18.14
O4B NDP C . -5.26 2.36 -19.53
C3B NDP C . -6.38 2.68 -17.47
O3B NDP C . -6.41 4.03 -17.01
C2B NDP C . -7.40 2.49 -18.57
O2B NDP C . -8.40 3.45 -18.47
C1B NDP C . -6.64 2.59 -19.86
N9A NDP C . -7.17 1.66 -20.87
C8A NDP C . -7.44 0.30 -20.71
N7A NDP C . -7.95 -0.20 -21.87
C5A NDP C . -8.00 0.79 -22.77
C6A NDP C . -8.40 0.80 -24.11
N6A NDP C . -8.44 -0.35 -24.82
N1A NDP C . -8.35 2.00 -24.77
C2A NDP C . -7.89 3.16 -24.16
N3A NDP C . -7.46 3.13 -22.84
C4A NDP C . -7.53 1.96 -22.16
O3 NDP C . -2.53 -0.53 -16.35
PN NDP C . -2.48 -1.41 -14.98
O1N NDP C . -1.43 -0.75 -14.16
O2N NDP C . -3.87 -1.59 -14.45
O5D NDP C . -1.99 -2.91 -15.30
C5D NDP C . -2.99 -3.90 -15.35
C4D NDP C . -2.83 -4.79 -14.14
O4D NDP C . -1.48 -5.15 -13.86
C3D NDP C . -3.33 -4.13 -12.86
O3D NDP C . -4.74 -3.97 -12.81
C2D NDP C . -2.75 -5.06 -11.83
O2D NDP C . -3.58 -6.19 -11.64
C1D NDP C . -1.41 -5.43 -12.47
N1N NDP C . -0.35 -4.64 -11.81
C2N NDP C . 0.46 -5.34 -11.01
C3N NDP C . 1.55 -4.76 -10.37
C7N NDP C . 2.41 -5.66 -9.51
O7N NDP C . 3.25 -5.02 -8.59
N7N NDP C . 2.32 -6.99 -9.61
C4N NDP C . 1.83 -3.27 -10.52
C5N NDP C . 0.86 -2.59 -11.42
C6N NDP C . -0.17 -3.30 -12.01
P2B NDP C . -9.87 2.99 -18.03
O1X NDP C . -10.71 4.26 -17.91
O2X NDP C . -9.88 2.11 -16.78
O3X NDP C . -10.50 2.17 -19.13
PA NDP D . 2.18 0.75 17.98
O1A NDP D . 1.29 1.85 18.44
O2A NDP D . 3.64 1.05 18.04
O5B NDP D . 1.82 -0.58 18.79
C5B NDP D . 0.84 -1.46 18.29
C4B NDP D . 0.96 -2.83 18.95
O4B NDP D . 1.05 -2.73 20.35
C3B NDP D . -0.29 -3.63 18.66
O3B NDP D . 0.17 -4.91 18.30
C2B NDP D . -1.10 -3.61 19.95
O2B NDP D . -1.94 -4.73 20.12
C1B NDP D . 0.11 -3.66 20.87
N9A NDP D . 0.03 -3.69 22.37
C8A NDP D . 0.46 -4.84 23.05
N7A NDP D . 0.38 -4.63 24.38
C5A NDP D . -0.09 -3.36 24.57
C6A NDP D . -0.34 -2.72 25.76
N6A NDP D . 0.10 -3.36 26.84
N1A NDP D . -0.81 -1.41 25.74
C2A NDP D . -1.04 -0.82 24.50
N3A NDP D . -0.79 -1.48 23.29
C4A NDP D . -0.32 -2.74 23.32
O3 NDP D . 1.62 0.33 16.50
PN NDP D . 1.54 1.20 15.14
O1N NDP D . 2.57 2.25 15.00
O2N NDP D . 1.37 0.28 13.99
O5D NDP D . 0.30 2.16 15.29
C5D NDP D . 0.70 3.50 15.54
C4D NDP D . -0.06 4.43 14.61
O4D NDP D . 0.80 5.29 13.89
C3D NDP D . -0.70 3.58 13.53
O3D NDP D . -1.81 2.85 14.02
C2D NDP D . -0.90 4.58 12.43
O2D NDP D . -1.90 5.49 12.79
C1D NDP D . 0.38 5.39 12.54
N1N NDP D . 1.39 4.81 11.62
C2N NDP D . 1.82 5.59 10.59
C3N NDP D . 2.83 5.21 9.71
C7N NDP D . 3.22 6.11 8.56
O7N NDP D . 3.88 5.45 7.52
N7N NDP D . 2.91 7.40 8.51
C4N NDP D . 3.49 3.89 9.84
C5N NDP D . 2.97 3.14 11.02
C6N NDP D . 1.96 3.58 11.83
P2B NDP D . -3.55 -4.63 20.19
O1X NDP D . -3.99 -3.59 19.14
O2X NDP D . -4.13 -6.01 19.79
O3X NDP D . -4.05 -4.26 21.57
#